data_5EWX
#
_entry.id   5EWX
#
_cell.length_a   89.522
_cell.length_b   149.850
_cell.length_c   55.836
_cell.angle_alpha   90.00
_cell.angle_beta   122.69
_cell.angle_gamma   90.00
#
_symmetry.space_group_name_H-M   'C 1 2 1'
#
loop_
_entity.id
_entity.type
_entity.pdbx_description
1 polymer 'Endolysin,Immunoglobulin G-binding protein A,Endolysin'
2 non-polymer "2,2'-ethyne-1,2-diylbis{5-[(chloroacetyl)amino]benzenesulfonic acid}"
3 water water
#
_entity_poly.entity_id   1
_entity_poly.type   'polypeptide(L)'
_entity_poly.pdbx_seq_one_letter_code
;MNIFEMLRIDEGLRLKIYKDTEGYYTIGIGHLLTKGGGGSGGGGSVDNKFNKEQQNAFYEILHLPNLNEEQRNAFIQSLK
DDPSQSANLLACAKAANDAQSLCAAKSELDKAIGRNTNGVITKDEAEKLFNQDVDAAVRGILRNAKLKPVYDSLDAVRRA
ALINMVFQMGETGVAGFTNSLRMLQQKRWDEAAVNLAKSRWYNQTPNRAKRVITTFRTGTWDAYANL
;
_entity_poly.pdbx_strand_id   A,B
#
# COMPACT_ATOMS: atom_id res chain seq x y z
N MET A 1 1.37 7.17 11.13
CA MET A 1 0.55 7.51 9.96
C MET A 1 -0.34 8.72 10.25
N ASN A 2 -0.41 9.60 9.26
CA ASN A 2 -1.07 10.89 9.35
C ASN A 2 -1.22 11.40 7.94
N ILE A 3 -1.86 12.56 7.76
CA ILE A 3 -2.17 13.02 6.41
C ILE A 3 -0.95 13.34 5.53
N PHE A 4 0.14 13.81 6.15
CA PHE A 4 1.35 14.14 5.39
C PHE A 4 2.05 12.90 4.84
N GLU A 5 2.08 11.82 5.62
CA GLU A 5 2.62 10.57 5.10
C GLU A 5 1.70 10.03 3.98
N MET A 6 0.40 10.22 4.12
CA MET A 6 -0.55 9.79 3.09
C MET A 6 -0.23 10.44 1.74
N LEU A 7 -0.15 11.77 1.73
CA LEU A 7 0.07 12.48 0.47
C LEU A 7 1.50 12.42 -0.04
N ARG A 8 2.44 12.13 0.86
CA ARG A 8 3.80 11.85 0.44
C ARG A 8 3.84 10.55 -0.37
N ILE A 9 3.13 9.53 0.09
CA ILE A 9 3.02 8.28 -0.68
C ILE A 9 2.23 8.49 -1.98
N ASP A 10 1.08 9.14 -1.89
CA ASP A 10 0.20 9.23 -3.06
C ASP A 10 0.72 10.22 -4.09
N GLU A 11 1.07 11.43 -3.64
CA GLU A 11 1.48 12.52 -4.53
C GLU A 11 2.97 12.46 -4.85
N GLY A 12 3.75 12.04 -3.87
CA GLY A 12 5.19 12.02 -4.03
C GLY A 12 5.77 13.30 -3.46
N LEU A 13 7.01 13.22 -3.00
CA LEU A 13 7.63 14.38 -2.38
C LEU A 13 8.95 14.67 -3.07
N ARG A 14 9.02 15.83 -3.71
CA ARG A 14 10.23 16.24 -4.40
C ARG A 14 11.03 17.23 -3.57
N LEU A 15 12.28 16.88 -3.29
CA LEU A 15 13.20 17.77 -2.59
C LEU A 15 13.87 18.75 -3.56
N LYS A 16 13.69 18.53 -4.86
CA LYS A 16 14.24 19.43 -5.89
C LYS A 16 13.10 19.99 -6.73
N ILE A 17 13.30 21.15 -7.34
CA ILE A 17 12.25 21.77 -8.17
C ILE A 17 11.98 20.95 -9.42
N TYR A 18 10.71 20.81 -9.77
CA TYR A 18 10.32 20.07 -10.97
C TYR A 18 9.36 20.90 -11.82
N LYS A 19 9.54 20.80 -13.13
CA LYS A 19 8.64 21.43 -14.11
C LYS A 19 7.58 20.45 -14.62
N ASP A 20 6.30 20.81 -14.51
CA ASP A 20 5.22 19.90 -14.94
C ASP A 20 5.23 19.68 -16.44
N THR A 21 4.53 18.64 -16.86
CA THR A 21 4.37 18.31 -18.27
C THR A 21 3.41 19.33 -18.90
N GLU A 22 2.75 20.11 -18.05
CA GLU A 22 1.90 21.23 -18.45
C GLU A 22 2.53 22.59 -18.06
N GLY A 23 3.80 22.56 -17.65
CA GLY A 23 4.58 23.78 -17.49
C GLY A 23 4.74 24.45 -16.13
N TYR A 24 4.10 23.94 -15.07
CA TYR A 24 4.24 24.55 -13.74
C TYR A 24 5.51 24.08 -13.00
N TYR A 25 6.12 24.96 -12.22
CA TYR A 25 7.23 24.55 -11.38
C TYR A 25 6.67 24.09 -10.06
N THR A 26 7.08 22.93 -9.59
CA THR A 26 6.55 22.51 -8.31
C THR A 26 7.65 21.92 -7.45
N ILE A 27 7.37 21.80 -6.16
CA ILE A 27 8.33 21.19 -5.25
C ILE A 27 7.60 20.73 -4.02
N GLY A 28 8.19 19.78 -3.29
CA GLY A 28 7.57 19.24 -2.09
C GLY A 28 6.46 18.28 -2.49
N ILE A 29 5.31 18.41 -1.82
CA ILE A 29 4.14 17.61 -2.18
C ILE A 29 3.15 18.51 -2.91
N GLY A 30 3.30 18.57 -4.22
CA GLY A 30 2.39 19.33 -5.04
C GLY A 30 2.31 20.82 -4.69
N HIS A 31 3.40 21.38 -4.16
CA HIS A 31 3.43 22.81 -3.89
C HIS A 31 3.86 23.58 -5.14
N LEU A 32 2.92 24.34 -5.69
CA LEU A 32 3.13 25.03 -6.94
C LEU A 32 3.72 26.41 -6.66
N LEU A 33 4.72 26.78 -7.45
CA LEU A 33 5.46 27.99 -7.20
C LEU A 33 5.01 29.11 -8.10
N THR A 34 5.30 28.98 -9.39
CA THR A 34 4.94 30.01 -10.34
C THR A 34 4.13 29.43 -11.48
N LYS A 35 3.26 30.28 -12.03
CA LYS A 35 2.40 29.94 -13.15
C LYS A 35 2.99 30.43 -14.47
N GLU A 53 9.07 31.42 -42.44
CA GLU A 53 9.57 30.73 -41.26
C GLU A 53 10.36 31.68 -40.37
N GLN A 54 11.30 32.41 -40.97
CA GLN A 54 12.11 33.39 -40.26
C GLN A 54 11.25 34.55 -39.77
N GLN A 55 10.09 34.71 -40.39
CA GLN A 55 9.14 35.74 -40.04
C GLN A 55 8.54 35.48 -38.65
N ASN A 56 8.20 34.22 -38.37
CA ASN A 56 7.70 33.83 -37.04
C ASN A 56 8.83 33.70 -36.02
N ALA A 57 10.04 33.49 -36.51
CA ALA A 57 11.22 33.45 -35.64
C ALA A 57 11.44 34.78 -34.94
N PHE A 58 11.51 35.84 -35.73
CA PHE A 58 11.63 37.20 -35.20
C PHE A 58 10.49 37.55 -34.24
N TYR A 59 9.26 37.15 -34.63
CA TYR A 59 8.05 37.46 -33.87
C TYR A 59 8.04 36.85 -32.47
N GLU A 60 8.25 35.53 -32.36
CA GLU A 60 8.12 34.83 -31.08
C GLU A 60 9.26 35.14 -30.11
N ILE A 61 10.45 35.35 -30.67
CA ILE A 61 11.60 35.79 -29.89
C ILE A 61 11.26 37.12 -29.21
N LEU A 62 10.70 38.03 -29.99
CA LEU A 62 10.39 39.36 -29.50
C LEU A 62 9.18 39.37 -28.54
N HIS A 63 8.47 38.25 -28.46
CA HIS A 63 7.29 38.12 -27.61
C HIS A 63 7.46 37.17 -26.41
N LEU A 64 8.70 36.80 -26.11
CA LEU A 64 8.95 35.96 -24.95
C LEU A 64 8.93 36.79 -23.67
N PRO A 65 8.02 36.44 -22.75
CA PRO A 65 7.64 37.28 -21.60
C PRO A 65 8.74 37.50 -20.54
N ASN A 66 9.81 36.70 -20.53
CA ASN A 66 10.78 36.77 -19.44
C ASN A 66 12.21 37.13 -19.86
N LEU A 67 12.36 37.71 -21.05
CA LEU A 67 13.67 38.20 -21.50
C LEU A 67 13.93 39.65 -21.11
N ASN A 68 15.21 40.04 -21.12
CA ASN A 68 15.60 41.43 -20.91
C ASN A 68 15.46 42.18 -22.20
N GLU A 69 15.59 43.50 -22.12
CA GLU A 69 15.70 44.31 -23.31
C GLU A 69 16.90 43.77 -24.08
N GLU A 70 18.06 43.79 -23.43
CA GLU A 70 19.33 43.43 -24.07
C GLU A 70 19.43 41.95 -24.46
N GLN A 71 18.93 41.07 -23.59
CA GLN A 71 18.96 39.64 -23.85
C GLN A 71 18.24 39.37 -25.16
N ARG A 72 17.12 40.06 -25.35
CA ARG A 72 16.36 40.05 -26.58
C ARG A 72 17.11 40.74 -27.75
N ASN A 73 17.74 41.88 -27.49
CA ASN A 73 18.56 42.56 -28.51
C ASN A 73 19.56 41.63 -29.17
N ALA A 74 20.29 40.88 -28.35
CA ALA A 74 21.32 39.97 -28.82
C ALA A 74 20.75 38.86 -29.70
N PHE A 75 19.55 38.39 -29.35
CA PHE A 75 18.90 37.34 -30.13
C PHE A 75 18.35 37.90 -31.45
N ILE A 76 17.59 38.99 -31.34
CA ILE A 76 17.04 39.68 -32.51
C ILE A 76 18.12 40.09 -33.51
N GLN A 77 19.19 40.70 -33.03
CA GLN A 77 20.27 41.16 -33.91
C GLN A 77 21.08 39.98 -34.46
N SER A 78 21.17 38.90 -33.70
CA SER A 78 21.82 37.69 -34.19
C SER A 78 21.05 37.15 -35.39
N LEU A 79 19.72 37.19 -35.31
CA LEU A 79 18.86 36.74 -36.40
C LEU A 79 19.05 37.63 -37.64
N LYS A 80 19.19 38.92 -37.42
CA LYS A 80 19.46 39.84 -38.51
C LYS A 80 20.77 39.46 -39.21
N ASP A 81 21.81 39.25 -38.41
CA ASP A 81 23.14 38.86 -38.90
C ASP A 81 23.12 37.60 -39.75
N ASP A 82 22.22 36.67 -39.42
CA ASP A 82 22.08 35.42 -40.16
C ASP A 82 20.66 34.87 -40.02
N PRO A 83 19.78 35.27 -40.94
CA PRO A 83 18.36 34.91 -40.89
C PRO A 83 18.12 33.43 -41.13
N SER A 84 19.10 32.75 -41.72
CA SER A 84 18.99 31.33 -42.02
C SER A 84 18.84 30.53 -40.74
N GLN A 85 19.56 30.95 -39.71
CA GLN A 85 19.56 30.25 -38.43
C GLN A 85 18.34 30.54 -37.55
N SER A 86 17.20 30.78 -38.18
CA SER A 86 15.95 30.99 -37.46
C SER A 86 15.69 29.84 -36.49
N ALA A 87 16.13 28.65 -36.89
CA ALA A 87 15.91 27.45 -36.09
C ALA A 87 16.68 27.49 -34.77
N ASN A 88 17.92 27.95 -34.81
CA ASN A 88 18.75 27.92 -33.61
C ASN A 88 18.53 29.09 -32.68
N LEU A 89 18.40 30.28 -33.25
CA LEU A 89 18.15 31.50 -32.45
C LEU A 89 16.82 31.43 -31.71
N LEU A 90 15.80 30.87 -32.33
CA LEU A 90 14.51 30.73 -31.67
C LEU A 90 14.63 29.64 -30.61
N ALA A 91 15.55 28.70 -30.83
CA ALA A 91 15.85 27.69 -29.83
C ALA A 91 16.55 28.32 -28.62
N CYS A 92 17.54 29.17 -28.89
CA CYS A 92 18.24 29.86 -27.80
C CYS A 92 17.29 30.70 -26.97
N ALA A 93 16.46 31.49 -27.66
CA ALA A 93 15.55 32.41 -27.01
C ALA A 93 14.63 31.73 -26.01
N LYS A 94 14.16 30.54 -26.38
CA LYS A 94 13.25 29.81 -25.53
C LYS A 94 13.99 29.22 -24.31
N ALA A 95 15.21 28.72 -24.53
CA ALA A 95 16.04 28.25 -23.42
C ALA A 95 16.12 29.32 -22.33
N ALA A 96 16.48 30.53 -22.76
CA ALA A 96 16.57 31.69 -21.88
C ALA A 96 15.27 32.02 -21.17
N ASN A 97 14.18 32.01 -21.89
CA ASN A 97 12.90 32.33 -21.29
C ASN A 97 12.63 31.38 -20.16
N ASP A 98 12.95 30.12 -20.37
CA ASP A 98 12.73 29.11 -19.35
C ASP A 98 13.70 29.21 -18.20
N ALA A 99 14.93 29.51 -18.50
CA ALA A 99 15.94 29.64 -17.49
C ALA A 99 15.52 30.67 -16.51
N GLN A 100 14.75 31.62 -16.98
CA GLN A 100 14.24 32.68 -16.14
C GLN A 100 13.03 32.30 -15.36
N SER A 101 12.07 31.81 -16.06
CA SER A 101 11.04 31.25 -15.18
C SER A 101 11.49 30.38 -14.01
N LEU A 102 12.49 29.56 -14.21
CA LEU A 102 12.97 28.70 -13.16
C LEU A 102 13.58 29.57 -12.07
N CYS A 103 14.19 30.67 -12.48
CA CYS A 103 14.81 31.62 -11.58
C CYS A 103 13.75 32.26 -10.73
N ALA A 104 12.63 32.57 -11.35
CA ALA A 104 11.52 33.18 -10.64
C ALA A 104 10.92 32.26 -9.63
N ALA A 105 10.88 30.98 -9.96
CA ALA A 105 10.32 29.97 -9.09
C ALA A 105 11.18 29.76 -7.88
N LYS A 106 12.48 29.65 -8.12
CA LYS A 106 13.46 29.56 -7.03
C LYS A 106 13.34 30.75 -6.10
N SER A 107 13.15 31.92 -6.69
CA SER A 107 12.97 33.14 -5.92
C SER A 107 11.71 33.06 -5.08
N GLU A 108 10.66 32.53 -5.70
CA GLU A 108 9.38 32.33 -5.04
C GLU A 108 9.52 31.30 -3.92
N LEU A 109 10.32 30.26 -4.17
CA LEU A 109 10.65 29.28 -3.15
C LEU A 109 11.45 29.85 -1.99
N ASP A 110 12.43 30.71 -2.30
CA ASP A 110 13.29 31.30 -1.29
C ASP A 110 12.55 32.18 -0.31
N LYS A 111 11.55 32.92 -0.79
CA LYS A 111 10.69 33.68 0.11
C LYS A 111 9.89 32.71 1.02
N ALA A 112 9.56 31.53 0.51
CA ALA A 112 8.74 30.58 1.26
C ALA A 112 9.56 29.89 2.34
N ILE A 113 10.81 29.55 2.03
CA ILE A 113 11.66 28.86 2.98
C ILE A 113 12.42 29.83 3.91
N GLY A 114 12.87 30.97 3.38
CA GLY A 114 13.57 31.95 4.20
C GLY A 114 15.08 31.85 4.09
N ARG A 115 15.54 31.30 2.97
CA ARG A 115 16.95 31.19 2.67
C ARG A 115 17.12 31.00 1.17
N ASN A 116 18.36 30.99 0.71
CA ASN A 116 18.68 30.75 -0.69
C ASN A 116 18.79 29.25 -0.98
N THR A 117 17.68 28.64 -1.35
CA THR A 117 17.60 27.18 -1.49
C THR A 117 18.26 26.68 -2.77
N ASN A 118 18.41 27.54 -3.76
CA ASN A 118 18.82 27.17 -5.11
C ASN A 118 17.95 26.05 -5.67
N GLY A 119 16.67 26.09 -5.34
CA GLY A 119 15.75 25.10 -5.84
C GLY A 119 15.92 23.73 -5.20
N VAL A 120 16.31 23.70 -3.93
CA VAL A 120 16.41 22.46 -3.18
C VAL A 120 15.93 22.62 -1.74
N ILE A 121 15.07 21.74 -1.26
CA ILE A 121 14.62 21.83 0.12
C ILE A 121 14.78 20.50 0.88
N THR A 122 14.57 20.53 2.19
CA THR A 122 14.58 19.32 3.01
C THR A 122 13.16 18.89 3.24
N LYS A 123 12.98 17.73 3.89
CA LYS A 123 11.65 17.18 4.13
C LYS A 123 10.81 18.02 5.09
N ASP A 124 11.44 18.51 6.15
CA ASP A 124 10.72 19.29 7.16
C ASP A 124 10.29 20.61 6.52
N GLU A 125 11.07 21.09 5.56
CA GLU A 125 10.71 22.30 4.86
C GLU A 125 9.55 21.98 3.91
N ALA A 126 9.61 20.83 3.26
CA ALA A 126 8.51 20.34 2.43
C ALA A 126 7.26 20.12 3.29
N GLU A 127 7.44 19.65 4.52
CA GLU A 127 6.30 19.42 5.40
C GLU A 127 5.67 20.73 5.85
N LYS A 128 6.52 21.72 6.15
CA LYS A 128 6.10 23.07 6.49
C LYS A 128 5.25 23.69 5.37
N LEU A 129 5.73 23.61 4.13
CA LEU A 129 4.94 24.03 2.97
C LEU A 129 3.66 23.27 2.87
N PHE A 130 3.74 21.96 3.09
CA PHE A 130 2.60 21.09 2.94
C PHE A 130 1.50 21.48 3.93
N ASN A 131 1.89 21.76 5.17
CA ASN A 131 0.90 21.97 6.20
C ASN A 131 0.05 23.19 5.93
N GLN A 132 0.63 24.22 5.33
CA GLN A 132 -0.14 25.41 5.01
C GLN A 132 -0.95 25.14 3.75
N ASP A 133 -0.42 24.31 2.85
CA ASP A 133 -1.18 23.94 1.66
C ASP A 133 -2.49 23.29 2.09
N VAL A 134 -2.41 22.44 3.12
CA VAL A 134 -3.58 21.81 3.71
C VAL A 134 -4.52 22.87 4.27
N ASP A 135 -3.94 23.90 4.88
CA ASP A 135 -4.76 24.98 5.42
C ASP A 135 -5.52 25.71 4.31
N ALA A 136 -4.85 25.93 3.17
CA ALA A 136 -5.46 26.54 2.00
C ALA A 136 -6.63 25.73 1.47
N ALA A 137 -6.41 24.42 1.34
CA ALA A 137 -7.42 23.54 0.78
C ALA A 137 -8.66 23.48 1.65
N VAL A 138 -8.45 23.35 2.96
CA VAL A 138 -9.57 23.31 3.91
C VAL A 138 -10.38 24.62 3.87
N ARG A 139 -9.67 25.75 3.84
CA ARG A 139 -10.32 27.04 3.65
C ARG A 139 -11.21 27.04 2.40
N GLY A 140 -10.63 26.62 1.30
CA GLY A 140 -11.36 26.51 0.04
C GLY A 140 -12.56 25.60 0.22
N ILE A 141 -12.31 24.41 0.75
CA ILE A 141 -13.35 23.41 0.96
C ILE A 141 -14.50 23.99 1.77
N LEU A 142 -14.17 24.68 2.85
CA LEU A 142 -15.20 25.23 3.73
C LEU A 142 -15.93 26.41 3.10
N ARG A 143 -15.37 26.97 2.03
CA ARG A 143 -16.05 28.04 1.32
C ARG A 143 -16.86 27.47 0.15
N ASN A 144 -16.64 26.20 -0.16
CA ASN A 144 -17.35 25.59 -1.27
C ASN A 144 -18.62 24.91 -0.76
N ALA A 145 -19.77 25.42 -1.21
CA ALA A 145 -21.09 24.99 -0.75
C ALA A 145 -21.38 23.53 -1.07
N LYS A 146 -20.65 23.01 -2.05
CA LYS A 146 -20.74 21.62 -2.47
C LYS A 146 -19.94 20.69 -1.59
N LEU A 147 -18.81 21.18 -1.07
CA LEU A 147 -17.91 20.32 -0.29
C LEU A 147 -18.04 20.53 1.21
N LYS A 148 -18.57 21.67 1.63
CA LYS A 148 -18.59 21.94 3.07
C LYS A 148 -19.40 20.91 3.84
N PRO A 149 -20.69 20.70 3.48
CA PRO A 149 -21.48 19.82 4.35
C PRO A 149 -20.95 18.39 4.47
N VAL A 150 -20.33 17.87 3.42
CA VAL A 150 -19.79 16.52 3.50
C VAL A 150 -18.52 16.53 4.36
N TYR A 151 -17.68 17.55 4.18
CA TYR A 151 -16.44 17.67 4.95
C TYR A 151 -16.63 17.84 6.46
N ASP A 152 -17.58 18.67 6.87
CA ASP A 152 -17.90 18.83 8.28
C ASP A 152 -18.36 17.51 8.90
N SER A 153 -19.04 16.72 8.08
CA SER A 153 -19.64 15.48 8.51
C SER A 153 -18.60 14.37 8.73
N LEU A 154 -17.46 14.48 8.08
CA LEU A 154 -16.44 13.42 8.14
C LEU A 154 -15.53 13.54 9.36
N ASP A 155 -14.97 12.40 9.75
CA ASP A 155 -13.94 12.33 10.79
C ASP A 155 -12.57 12.69 10.22
N ALA A 156 -11.58 12.86 11.10
CA ALA A 156 -10.29 13.38 10.69
C ALA A 156 -9.64 12.56 9.57
N VAL A 157 -9.72 11.24 9.67
CA VAL A 157 -9.04 10.42 8.68
C VAL A 157 -9.83 10.40 7.35
N ARG A 158 -11.15 10.39 7.42
CA ARG A 158 -11.92 10.48 6.18
C ARG A 158 -11.72 11.87 5.53
N ARG A 159 -11.60 12.92 6.36
CA ARG A 159 -11.25 14.24 5.87
C ARG A 159 -9.92 14.23 5.13
N ALA A 160 -9.00 13.40 5.60
CA ALA A 160 -7.69 13.27 4.95
C ALA A 160 -7.86 12.73 3.54
N ALA A 161 -8.78 11.77 3.39
CA ALA A 161 -9.09 11.23 2.07
C ALA A 161 -9.74 12.29 1.17
N LEU A 162 -10.58 13.16 1.73
CA LEU A 162 -11.24 14.18 0.90
C LEU A 162 -10.22 15.24 0.46
N ILE A 163 -9.36 15.65 1.39
CA ILE A 163 -8.28 16.59 1.10
C ILE A 163 -7.32 15.99 0.06
N ASN A 164 -7.05 14.70 0.23
CA ASN A 164 -6.20 13.96 -0.69
C ASN A 164 -6.71 14.12 -2.12
N MET A 165 -8.01 13.98 -2.30
CA MET A 165 -8.62 14.12 -3.61
C MET A 165 -8.52 15.54 -4.14
N VAL A 166 -8.69 16.50 -3.24
CA VAL A 166 -8.57 17.90 -3.58
C VAL A 166 -7.18 18.24 -4.09
N PHE A 167 -6.15 17.69 -3.44
CA PHE A 167 -4.78 17.85 -3.90
C PHE A 167 -4.59 17.34 -5.33
N GLN A 168 -5.20 16.21 -5.65
CA GLN A 168 -4.97 15.59 -6.96
C GLN A 168 -5.75 16.23 -8.11
N MET A 169 -6.89 16.87 -7.85
CA MET A 169 -7.71 17.27 -8.99
C MET A 169 -8.39 18.60 -8.80
N GLY A 170 -8.24 19.17 -7.62
CA GLY A 170 -8.77 20.48 -7.38
C GLY A 170 -10.11 20.44 -6.71
N GLU A 171 -10.44 21.55 -6.05
CA GLU A 171 -11.68 21.76 -5.33
C GLU A 171 -12.83 21.43 -6.28
N THR A 172 -12.78 21.98 -7.48
CA THR A 172 -13.91 21.89 -8.43
C THR A 172 -14.21 20.46 -8.89
N GLY A 173 -13.17 19.73 -9.29
CA GLY A 173 -13.32 18.36 -9.71
C GLY A 173 -13.94 17.55 -8.58
N VAL A 174 -13.37 17.61 -7.39
CA VAL A 174 -13.90 16.85 -6.26
C VAL A 174 -15.34 17.23 -6.06
N ALA A 175 -15.60 18.52 -6.11
CA ALA A 175 -16.94 19.03 -5.87
C ALA A 175 -17.97 18.52 -6.91
N GLY A 176 -17.50 17.85 -7.96
CA GLY A 176 -18.36 17.35 -9.02
C GLY A 176 -18.75 15.88 -8.85
N PHE A 177 -18.29 15.27 -7.75
CA PHE A 177 -18.68 13.92 -7.39
C PHE A 177 -19.97 13.96 -6.61
N THR A 178 -21.04 14.47 -7.24
CA THR A 178 -22.30 14.77 -6.54
C THR A 178 -22.85 13.64 -5.69
N ASN A 179 -22.92 12.45 -6.28
CA ASN A 179 -23.57 11.31 -5.63
C ASN A 179 -22.77 10.59 -4.57
N SER A 180 -21.50 10.36 -4.86
CA SER A 180 -20.62 9.65 -3.95
C SER A 180 -20.42 10.53 -2.73
N LEU A 181 -20.34 11.83 -3.00
CA LEU A 181 -20.26 12.85 -1.97
C LEU A 181 -21.44 12.73 -1.03
N ARG A 182 -22.65 12.62 -1.59
CA ARG A 182 -23.85 12.53 -0.78
C ARG A 182 -23.88 11.23 0.02
N MET A 183 -23.42 10.13 -0.58
CA MET A 183 -23.37 8.85 0.13
C MET A 183 -22.42 8.95 1.32
N LEU A 184 -21.30 9.65 1.11
CA LEU A 184 -20.29 9.89 2.13
C LEU A 184 -20.91 10.68 3.27
N GLN A 185 -21.64 11.73 2.92
CA GLN A 185 -22.34 12.56 3.90
C GLN A 185 -23.40 11.78 4.71
N GLN A 186 -23.95 10.75 4.09
CA GLN A 186 -24.96 9.91 4.71
C GLN A 186 -24.35 8.71 5.43
N LYS A 187 -23.02 8.72 5.55
CA LYS A 187 -22.25 7.65 6.21
C LYS A 187 -22.45 6.27 5.56
N ARG A 188 -22.95 6.26 4.32
CA ARG A 188 -23.05 5.03 3.53
C ARG A 188 -21.75 4.60 2.90
N TRP A 189 -20.78 4.27 3.73
CA TRP A 189 -19.42 4.07 3.28
C TRP A 189 -19.22 3.00 2.20
N ASP A 190 -19.95 1.88 2.28
CA ASP A 190 -19.75 0.83 1.28
C ASP A 190 -20.45 1.14 -0.03
N GLU A 191 -21.57 1.83 0.05
CA GLU A 191 -22.19 2.37 -1.16
C GLU A 191 -21.17 3.33 -1.79
N ALA A 192 -20.65 4.24 -0.98
CA ALA A 192 -19.74 5.27 -1.46
C ALA A 192 -18.51 4.71 -2.15
N ALA A 193 -17.90 3.70 -1.52
CA ALA A 193 -16.72 3.03 -2.09
C ALA A 193 -17.01 2.36 -3.43
N VAL A 194 -18.23 1.84 -3.60
CA VAL A 194 -18.59 1.14 -4.84
C VAL A 194 -18.75 2.17 -5.93
N ASN A 195 -19.34 3.30 -5.57
CA ASN A 195 -19.58 4.37 -6.50
C ASN A 195 -18.28 5.10 -6.94
N LEU A 196 -17.37 5.41 -6.02
CA LEU A 196 -16.07 5.95 -6.43
C LEU A 196 -15.28 5.07 -7.38
N ALA A 197 -15.46 3.75 -7.29
CA ALA A 197 -14.71 2.82 -8.14
C ALA A 197 -15.15 2.89 -9.59
N LYS A 198 -16.38 3.33 -9.81
CA LYS A 198 -16.95 3.38 -11.15
C LYS A 198 -16.50 4.65 -11.88
N SER A 199 -15.74 5.49 -11.18
CA SER A 199 -15.37 6.82 -11.67
C SER A 199 -14.22 6.84 -12.68
N ARG A 200 -14.11 7.96 -13.41
CA ARG A 200 -13.02 8.17 -14.35
C ARG A 200 -11.67 8.41 -13.63
N TRP A 201 -11.76 9.00 -12.44
CA TRP A 201 -10.65 9.13 -11.50
C TRP A 201 -10.02 7.79 -11.15
N TYR A 202 -10.87 6.87 -10.71
CA TYR A 202 -10.45 5.53 -10.39
C TYR A 202 -9.75 4.89 -11.58
N ASN A 203 -10.30 5.12 -12.76
CA ASN A 203 -9.73 4.52 -13.97
C ASN A 203 -8.38 5.14 -14.40
N GLN A 204 -8.13 6.37 -13.98
CA GLN A 204 -6.96 7.06 -14.44
C GLN A 204 -5.80 6.80 -13.49
N THR A 205 -6.12 6.71 -12.21
CA THR A 205 -5.13 6.42 -11.19
C THR A 205 -5.69 5.39 -10.21
N PRO A 206 -5.79 4.12 -10.64
CA PRO A 206 -6.45 3.06 -9.86
C PRO A 206 -5.78 2.80 -8.50
N ASN A 207 -4.45 2.68 -8.49
CA ASN A 207 -3.77 2.31 -7.27
C ASN A 207 -3.93 3.34 -6.18
N ARG A 208 -3.82 4.60 -6.55
CA ARG A 208 -4.06 5.65 -5.60
C ARG A 208 -5.54 5.71 -5.23
N ALA A 209 -6.45 5.62 -6.22
CA ALA A 209 -7.87 5.83 -5.93
C ALA A 209 -8.35 4.74 -4.99
N LYS A 210 -7.87 3.52 -5.23
CA LYS A 210 -8.14 2.37 -4.35
C LYS A 210 -7.75 2.64 -2.87
N ARG A 211 -6.55 3.14 -2.64
CA ARG A 211 -6.18 3.49 -1.27
C ARG A 211 -7.11 4.57 -0.67
N VAL A 212 -7.33 5.65 -1.41
CA VAL A 212 -8.26 6.70 -0.98
C VAL A 212 -9.67 6.16 -0.71
N ILE A 213 -10.20 5.38 -1.63
CA ILE A 213 -11.53 4.79 -1.46
C ILE A 213 -11.58 3.87 -0.23
N THR A 214 -10.54 3.04 -0.04
CA THR A 214 -10.46 2.22 1.18
C THR A 214 -10.45 3.05 2.47
N THR A 215 -9.80 4.21 2.41
CA THR A 215 -9.79 5.15 3.53
C THR A 215 -11.18 5.72 3.80
N PHE A 216 -11.92 6.05 2.74
CA PHE A 216 -13.31 6.51 2.84
C PHE A 216 -14.21 5.47 3.46
N ARG A 217 -14.00 4.23 3.04
CA ARG A 217 -14.85 3.13 3.43
C ARG A 217 -14.66 2.74 4.90
N THR A 218 -13.41 2.71 5.34
CA THR A 218 -13.05 2.17 6.65
C THR A 218 -12.84 3.20 7.73
N GLY A 219 -12.44 4.40 7.33
CA GLY A 219 -12.07 5.43 8.27
C GLY A 219 -10.73 5.09 8.91
N THR A 220 -9.96 4.20 8.28
CA THR A 220 -8.63 3.85 8.81
C THR A 220 -7.47 4.07 7.82
N TRP A 221 -6.26 3.90 8.33
CA TRP A 221 -5.08 4.09 7.51
C TRP A 221 -4.56 2.81 6.88
N ASP A 222 -5.38 1.75 6.93
CA ASP A 222 -4.93 0.41 6.58
C ASP A 222 -4.34 0.26 5.16
N ALA A 223 -4.91 0.97 4.20
CA ALA A 223 -4.45 0.90 2.82
C ALA A 223 -3.02 1.38 2.64
N TYR A 224 -2.43 1.95 3.70
CA TYR A 224 -1.06 2.43 3.66
C TYR A 224 -0.10 1.67 4.62
N ALA A 225 -0.60 0.61 5.26
CA ALA A 225 0.20 -0.15 6.21
C ALA A 225 1.45 -0.74 5.55
N ASN A 226 1.26 -1.59 4.55
CA ASN A 226 2.38 -2.11 3.81
C ASN A 226 2.01 -2.66 2.43
N LEU A 227 2.49 -2.09 1.30
CA LEU A 227 3.37 -0.91 1.13
C LEU A 227 4.66 -0.96 1.96
N MET B 1 22.07 -23.83 3.16
CA MET B 1 20.94 -22.90 3.19
C MET B 1 20.13 -22.87 1.88
N ASN B 2 18.81 -22.92 2.04
CA ASN B 2 17.88 -23.03 0.93
C ASN B 2 16.50 -22.68 1.46
N ILE B 3 15.49 -22.66 0.59
CA ILE B 3 14.19 -22.13 0.99
C ILE B 3 13.55 -22.93 2.13
N PHE B 4 13.78 -24.23 2.20
CA PHE B 4 13.24 -24.98 3.32
C PHE B 4 14.01 -24.65 4.63
N GLU B 5 15.32 -24.47 4.55
CA GLU B 5 16.09 -24.05 5.73
C GLU B 5 15.70 -22.65 6.15
N MET B 6 15.45 -21.80 5.16
CA MET B 6 15.01 -20.42 5.43
C MET B 6 13.73 -20.43 6.26
N LEU B 7 12.74 -21.17 5.78
CA LEU B 7 11.46 -21.17 6.44
C LEU B 7 11.39 -22.01 7.71
N ARG B 8 12.29 -22.99 7.86
CA ARG B 8 12.36 -23.66 9.15
C ARG B 8 12.87 -22.68 10.18
N ILE B 9 13.85 -21.87 9.81
CA ILE B 9 14.30 -20.82 10.71
C ILE B 9 13.22 -19.75 10.94
N ASP B 10 12.63 -19.21 9.87
CA ASP B 10 11.73 -18.06 10.03
C ASP B 10 10.37 -18.46 10.61
N GLU B 11 9.75 -19.47 10.02
CA GLU B 11 8.41 -19.88 10.41
C GLU B 11 8.44 -20.87 11.60
N GLY B 12 9.47 -21.71 11.64
CA GLY B 12 9.54 -22.74 12.66
C GLY B 12 8.99 -24.03 12.12
N LEU B 13 9.44 -25.17 12.66
CA LEU B 13 8.94 -26.48 12.22
C LEU B 13 8.48 -27.34 13.39
N ARG B 14 7.17 -27.61 13.41
CA ARG B 14 6.54 -28.44 14.43
C ARG B 14 6.26 -29.81 13.87
N LEU B 15 6.77 -30.86 14.52
CA LEU B 15 6.51 -32.23 14.07
C LEU B 15 5.15 -32.74 14.51
N LYS B 16 4.52 -32.01 15.41
CA LYS B 16 3.27 -32.43 16.01
C LYS B 16 2.20 -31.41 15.69
N ILE B 17 0.94 -31.82 15.67
CA ILE B 17 -0.17 -30.94 15.32
C ILE B 17 -0.34 -29.79 16.30
N TYR B 18 -0.55 -28.60 15.75
CA TYR B 18 -0.77 -27.41 16.58
C TYR B 18 -1.90 -26.50 16.03
N LYS B 19 -2.52 -25.76 16.93
CA LYS B 19 -3.53 -24.80 16.52
C LYS B 19 -2.83 -23.46 16.26
N ASP B 20 -2.81 -23.00 15.00
CA ASP B 20 -2.07 -21.77 14.66
C ASP B 20 -2.78 -20.51 15.15
N THR B 21 -2.09 -19.39 15.03
CA THR B 21 -2.57 -18.12 15.54
C THR B 21 -3.80 -17.57 14.82
N GLU B 22 -4.18 -18.18 13.70
CA GLU B 22 -5.43 -17.83 13.02
C GLU B 22 -6.47 -18.94 13.19
N GLY B 23 -6.23 -19.87 14.11
CA GLY B 23 -7.26 -20.81 14.55
C GLY B 23 -7.27 -22.15 13.83
N TYR B 24 -6.41 -22.29 12.82
CA TYR B 24 -6.32 -23.51 12.04
C TYR B 24 -5.48 -24.56 12.76
N TYR B 25 -5.78 -25.85 12.56
CA TYR B 25 -4.84 -26.90 12.99
C TYR B 25 -3.86 -27.09 11.86
N THR B 26 -2.57 -27.03 12.18
CA THR B 26 -1.53 -27.22 11.17
C THR B 26 -0.37 -28.09 11.67
N ILE B 27 0.56 -28.39 10.78
CA ILE B 27 1.73 -29.17 11.17
C ILE B 27 2.88 -28.92 10.22
N GLY B 28 4.10 -29.23 10.65
CA GLY B 28 5.27 -29.06 9.81
C GLY B 28 5.61 -27.60 9.76
N ILE B 29 5.85 -27.08 8.57
CA ILE B 29 6.03 -25.64 8.42
C ILE B 29 4.77 -25.04 7.81
N GLY B 30 3.83 -24.65 8.67
CA GLY B 30 2.64 -23.98 8.23
C GLY B 30 1.75 -24.71 7.22
N HIS B 31 1.79 -26.04 7.26
CA HIS B 31 0.92 -26.86 6.44
C HIS B 31 -0.46 -27.03 7.08
N LEU B 32 -1.50 -26.56 6.42
CA LEU B 32 -2.84 -26.52 7.01
C LEU B 32 -3.62 -27.82 6.83
N LEU B 33 -4.22 -28.28 7.94
CA LEU B 33 -4.94 -29.56 7.98
C LEU B 33 -6.46 -29.35 7.95
N THR B 34 -6.88 -28.12 8.05
CA THR B 34 -8.28 -27.88 8.06
C THR B 34 -8.54 -26.94 6.97
N LYS B 35 -9.77 -26.87 6.54
CA LYS B 35 -10.10 -26.02 5.44
C LYS B 35 -10.76 -24.77 5.92
N GLY B 36 -11.10 -24.73 7.19
CA GLY B 36 -11.74 -23.56 7.75
C GLY B 36 -11.32 -23.33 9.17
N GLY B 37 -11.33 -22.10 9.60
CA GLY B 37 -10.98 -21.85 10.98
C GLY B 37 -11.56 -22.90 11.89
N GLY B 38 -10.72 -23.72 12.47
CA GLY B 38 -11.14 -24.90 13.20
C GLY B 38 -11.51 -24.70 14.63
N GLY B 39 -12.45 -23.81 14.89
CA GLY B 39 -12.92 -23.57 16.23
C GLY B 39 -13.13 -22.12 16.53
N GLU B 53 -22.37 -12.16 29.02
CA GLU B 53 -21.54 -13.36 29.21
C GLU B 53 -22.35 -14.64 28.96
N GLN B 54 -23.50 -14.77 29.61
CA GLN B 54 -24.36 -15.92 29.36
C GLN B 54 -24.94 -15.77 27.97
N GLN B 55 -24.97 -14.51 27.55
CA GLN B 55 -25.41 -14.08 26.25
C GLN B 55 -24.39 -14.50 25.19
N ASN B 56 -23.12 -14.34 25.51
CA ASN B 56 -22.02 -14.73 24.63
C ASN B 56 -21.80 -16.25 24.62
N ALA B 57 -22.22 -16.91 25.69
CA ALA B 57 -22.18 -18.37 25.75
C ALA B 57 -23.06 -18.94 24.65
N PHE B 58 -24.31 -18.48 24.62
CA PHE B 58 -25.25 -18.84 23.57
C PHE B 58 -24.69 -18.51 22.19
N TYR B 59 -24.07 -17.35 22.06
CA TYR B 59 -23.54 -16.94 20.77
C TYR B 59 -22.47 -17.90 20.27
N GLU B 60 -21.45 -18.15 21.10
CA GLU B 60 -20.29 -18.94 20.66
C GLU B 60 -20.57 -20.44 20.54
N ILE B 61 -21.40 -20.99 21.42
CA ILE B 61 -21.82 -22.40 21.31
C ILE B 61 -22.48 -22.68 19.96
N LEU B 62 -23.42 -21.81 19.61
CA LEU B 62 -24.22 -21.96 18.41
C LEU B 62 -23.42 -21.64 17.14
N HIS B 63 -22.19 -21.17 17.30
CA HIS B 63 -21.39 -20.80 16.14
C HIS B 63 -20.14 -21.69 15.95
N LEU B 64 -20.07 -22.80 16.68
CA LEU B 64 -18.93 -23.70 16.56
C LEU B 64 -19.10 -24.56 15.32
N PRO B 65 -18.14 -24.44 14.39
CA PRO B 65 -18.21 -24.97 13.03
C PRO B 65 -18.18 -26.49 12.95
N ASN B 66 -17.73 -27.16 14.01
CA ASN B 66 -17.55 -28.61 13.94
C ASN B 66 -18.38 -29.41 14.93
N LEU B 67 -19.44 -28.82 15.47
CA LEU B 67 -20.37 -29.60 16.25
C LEU B 67 -21.38 -30.09 15.21
N ASN B 68 -22.06 -31.21 15.46
CA ASN B 68 -23.13 -31.61 14.56
C ASN B 68 -24.41 -30.92 14.99
N GLU B 69 -25.45 -31.08 14.17
CA GLU B 69 -26.78 -30.55 14.51
C GLU B 69 -27.25 -30.91 15.91
N GLU B 70 -27.32 -32.20 16.20
CA GLU B 70 -27.98 -32.64 17.43
C GLU B 70 -27.23 -32.22 18.69
N GLN B 71 -25.92 -32.36 18.67
CA GLN B 71 -25.08 -32.01 19.82
C GLN B 71 -25.16 -30.52 20.16
N ARG B 72 -25.15 -29.67 19.13
CA ARG B 72 -25.25 -28.22 19.34
C ARG B 72 -26.55 -27.85 20.03
N ASN B 73 -27.65 -28.40 19.53
CA ASN B 73 -28.96 -28.23 20.15
C ASN B 73 -28.97 -28.59 21.64
N ALA B 74 -28.41 -29.74 21.98
CA ALA B 74 -28.41 -30.25 23.35
C ALA B 74 -27.69 -29.30 24.29
N PHE B 75 -26.66 -28.64 23.78
CA PHE B 75 -25.92 -27.66 24.55
C PHE B 75 -26.75 -26.40 24.74
N ILE B 76 -27.35 -25.93 23.66
CA ILE B 76 -28.19 -24.74 23.70
C ILE B 76 -29.29 -24.90 24.74
N GLN B 77 -29.94 -26.05 24.71
CA GLN B 77 -31.06 -26.31 25.61
C GLN B 77 -30.58 -26.48 27.05
N SER B 78 -29.38 -27.01 27.21
CA SER B 78 -28.77 -27.12 28.53
C SER B 78 -28.49 -25.74 29.14
N LEU B 79 -27.99 -24.81 28.31
CA LEU B 79 -27.70 -23.45 28.75
C LEU B 79 -28.97 -22.69 29.13
N LYS B 80 -30.05 -22.91 28.40
CA LYS B 80 -31.33 -22.28 28.72
C LYS B 80 -31.76 -22.68 30.14
N ASP B 81 -31.75 -24.00 30.39
CA ASP B 81 -32.16 -24.58 31.67
C ASP B 81 -31.39 -24.02 32.87
N ASP B 82 -30.13 -23.64 32.66
CA ASP B 82 -29.31 -23.09 33.74
C ASP B 82 -28.26 -22.14 33.18
N PRO B 83 -28.61 -20.84 33.10
CA PRO B 83 -27.73 -19.83 32.50
C PRO B 83 -26.49 -19.58 33.35
N SER B 84 -26.54 -19.94 34.62
CA SER B 84 -25.40 -19.79 35.52
C SER B 84 -24.21 -20.65 35.08
N GLN B 85 -24.49 -21.86 34.62
CA GLN B 85 -23.42 -22.77 34.19
C GLN B 85 -22.91 -22.44 32.79
N SER B 86 -23.10 -21.21 32.34
CA SER B 86 -22.66 -20.80 31.01
C SER B 86 -21.17 -21.05 30.78
N ALA B 87 -20.37 -20.85 31.82
CA ALA B 87 -18.92 -20.95 31.73
C ALA B 87 -18.43 -22.37 31.47
N ASN B 88 -19.04 -23.35 32.14
CA ASN B 88 -18.64 -24.75 31.99
C ASN B 88 -19.35 -25.40 30.80
N LEU B 89 -20.60 -25.03 30.56
CA LEU B 89 -21.34 -25.52 29.39
C LEU B 89 -20.65 -25.08 28.09
N LEU B 90 -20.10 -23.86 28.08
CA LEU B 90 -19.37 -23.36 26.93
C LEU B 90 -17.99 -24.02 26.81
N ALA B 91 -17.45 -24.42 27.95
CA ALA B 91 -16.19 -25.11 28.01
C ALA B 91 -16.33 -26.47 27.36
N CYS B 92 -17.41 -27.17 27.71
CA CYS B 92 -17.71 -28.47 27.15
C CYS B 92 -17.90 -28.40 25.64
N ALA B 93 -18.71 -27.45 25.19
CA ALA B 93 -18.96 -27.32 23.77
C ALA B 93 -17.65 -27.05 23.01
N LYS B 94 -16.74 -26.29 23.60
CA LYS B 94 -15.48 -26.03 22.89
C LYS B 94 -14.63 -27.30 22.87
N ALA B 95 -14.58 -27.96 24.02
CA ALA B 95 -13.87 -29.22 24.15
C ALA B 95 -14.30 -30.19 23.07
N ALA B 96 -15.61 -30.39 22.95
CA ALA B 96 -16.21 -31.26 21.93
C ALA B 96 -15.84 -30.81 20.53
N ASN B 97 -15.96 -29.54 20.23
CA ASN B 97 -15.65 -29.05 18.91
C ASN B 97 -14.20 -29.22 18.52
N ASP B 98 -13.29 -29.09 19.47
CA ASP B 98 -11.88 -29.21 19.18
C ASP B 98 -11.48 -30.60 18.83
N ALA B 99 -11.98 -31.53 19.62
CA ALA B 99 -11.77 -32.95 19.48
C ALA B 99 -12.20 -33.38 18.13
N GLN B 100 -13.24 -32.76 17.64
CA GLN B 100 -13.73 -33.08 16.34
C GLN B 100 -12.90 -32.38 15.30
N SER B 101 -12.46 -31.02 15.47
CA SER B 101 -11.48 -30.67 14.46
C SER B 101 -10.15 -31.42 14.47
N LEU B 102 -9.68 -31.81 15.63
CA LEU B 102 -8.43 -32.52 15.72
C LEU B 102 -8.44 -33.87 15.03
N CYS B 103 -9.53 -34.59 15.11
CA CYS B 103 -9.63 -35.88 14.48
C CYS B 103 -9.74 -35.69 13.00
N ALA B 104 -10.25 -34.57 12.59
CA ALA B 104 -10.39 -34.29 11.18
C ALA B 104 -9.03 -33.96 10.61
N ALA B 105 -8.21 -33.33 11.41
CA ALA B 105 -6.88 -32.96 11.01
C ALA B 105 -6.00 -34.18 10.96
N LYS B 106 -6.02 -35.01 11.97
CA LYS B 106 -5.26 -36.26 11.97
C LYS B 106 -5.63 -37.12 10.76
N SER B 107 -6.92 -37.16 10.47
CA SER B 107 -7.38 -37.92 9.31
C SER B 107 -6.83 -37.33 8.01
N GLU B 108 -6.82 -36.01 7.87
CA GLU B 108 -6.29 -35.41 6.65
C GLU B 108 -4.81 -35.71 6.52
N LEU B 109 -4.14 -35.68 7.66
CA LEU B 109 -2.72 -35.97 7.78
C LEU B 109 -2.38 -37.41 7.41
N ASP B 110 -3.19 -38.36 7.86
CA ASP B 110 -2.96 -39.78 7.56
C ASP B 110 -3.10 -40.08 6.08
N LYS B 111 -4.10 -39.48 5.43
CA LYS B 111 -4.30 -39.63 3.98
C LYS B 111 -3.16 -39.00 3.20
N ALA B 112 -2.58 -37.94 3.76
CA ALA B 112 -1.50 -37.23 3.08
C ALA B 112 -0.15 -37.94 3.20
N ILE B 113 0.15 -38.47 4.39
CA ILE B 113 1.45 -39.09 4.64
C ILE B 113 1.45 -40.58 4.26
N GLY B 114 0.30 -41.22 4.46
CA GLY B 114 0.16 -42.62 4.08
C GLY B 114 0.38 -43.56 5.26
N ARG B 115 0.16 -43.05 6.46
CA ARG B 115 0.31 -43.90 7.64
C ARG B 115 -0.48 -43.37 8.83
N ASN B 116 -0.41 -44.13 9.91
CA ASN B 116 -1.04 -43.81 11.17
C ASN B 116 -0.15 -42.86 12.01
N THR B 117 -0.28 -41.56 11.76
CA THR B 117 0.62 -40.56 12.37
C THR B 117 0.32 -40.22 13.85
N ASN B 118 -0.92 -40.43 14.29
CA ASN B 118 -1.39 -39.90 15.57
C ASN B 118 -1.08 -38.41 15.71
N GLY B 119 -1.08 -37.68 14.60
CA GLY B 119 -0.79 -36.25 14.64
C GLY B 119 0.68 -35.90 14.92
N VAL B 120 1.61 -36.76 14.53
CA VAL B 120 3.05 -36.48 14.68
C VAL B 120 3.76 -36.94 13.43
N ILE B 121 4.63 -36.11 12.86
CA ILE B 121 5.37 -36.52 11.68
C ILE B 121 6.88 -36.41 11.92
N THR B 122 7.66 -36.89 10.95
CA THR B 122 9.10 -36.74 11.02
C THR B 122 9.52 -35.52 10.22
N LYS B 123 10.81 -35.17 10.30
CA LYS B 123 11.31 -33.98 9.64
C LYS B 123 11.19 -34.16 8.14
N ASP B 124 11.50 -35.37 7.67
CA ASP B 124 11.46 -35.66 6.26
C ASP B 124 10.04 -35.63 5.72
N GLU B 125 9.07 -35.93 6.59
CA GLU B 125 7.69 -35.84 6.18
C GLU B 125 7.26 -34.39 6.12
N ALA B 126 7.69 -33.57 7.09
CA ALA B 126 7.39 -32.12 7.09
C ALA B 126 7.97 -31.39 5.88
N GLU B 127 9.15 -31.82 5.44
CA GLU B 127 9.81 -31.23 4.28
C GLU B 127 9.12 -31.58 2.97
N LYS B 128 8.68 -32.83 2.83
CA LYS B 128 7.89 -33.27 1.67
C LYS B 128 6.59 -32.47 1.57
N LEU B 129 5.96 -32.31 2.73
CA LEU B 129 4.81 -31.47 2.88
C LEU B 129 5.19 -30.01 2.53
N PHE B 130 6.34 -29.55 3.01
CA PHE B 130 6.76 -28.18 2.75
C PHE B 130 6.99 -27.95 1.27
N ASN B 131 7.62 -28.91 0.61
CA ASN B 131 7.94 -28.72 -0.81
C ASN B 131 6.65 -28.61 -1.60
N GLN B 132 5.61 -29.33 -1.15
CA GLN B 132 4.33 -29.29 -1.84
C GLN B 132 3.67 -27.94 -1.62
N ASP B 133 3.80 -27.40 -0.41
CA ASP B 133 3.25 -26.09 -0.11
C ASP B 133 3.89 -24.99 -0.96
N VAL B 134 5.20 -25.09 -1.18
CA VAL B 134 5.93 -24.13 -2.02
C VAL B 134 5.40 -24.15 -3.43
N ASP B 135 5.16 -25.34 -3.96
CA ASP B 135 4.66 -25.46 -5.30
C ASP B 135 3.26 -24.86 -5.42
N ALA B 136 2.42 -25.12 -4.41
CA ALA B 136 1.08 -24.53 -4.38
C ALA B 136 1.18 -23.01 -4.35
N ALA B 137 2.07 -22.48 -3.51
CA ALA B 137 2.21 -21.05 -3.34
C ALA B 137 2.67 -20.39 -4.64
N VAL B 138 3.63 -21.04 -5.31
CA VAL B 138 4.12 -20.55 -6.59
C VAL B 138 3.02 -20.56 -7.65
N ARG B 139 2.22 -21.64 -7.67
CA ARG B 139 1.05 -21.74 -8.54
C ARG B 139 0.20 -20.51 -8.36
N GLY B 140 -0.10 -20.20 -7.10
CA GLY B 140 -0.86 -19.01 -6.80
C GLY B 140 -0.16 -17.75 -7.32
N ILE B 141 1.09 -17.55 -6.95
CA ILE B 141 1.82 -16.34 -7.35
C ILE B 141 1.75 -16.12 -8.86
N LEU B 142 1.88 -17.20 -9.61
CA LEU B 142 1.87 -17.11 -11.05
C LEU B 142 0.47 -16.80 -11.62
N ARG B 143 -0.56 -17.00 -10.81
CA ARG B 143 -1.92 -16.66 -11.25
C ARG B 143 -2.36 -15.27 -10.83
N ASN B 144 -1.59 -14.65 -9.94
CA ASN B 144 -1.92 -13.32 -9.45
C ASN B 144 -1.23 -12.24 -10.25
N ALA B 145 -2.00 -11.48 -11.04
CA ALA B 145 -1.43 -10.49 -11.96
C ALA B 145 -0.65 -9.40 -11.21
N LYS B 146 -0.89 -9.28 -9.91
CA LYS B 146 -0.16 -8.33 -9.07
C LYS B 146 1.23 -8.88 -8.69
N LEU B 147 1.35 -10.20 -8.53
CA LEU B 147 2.62 -10.82 -8.12
C LEU B 147 3.40 -11.49 -9.25
N LYS B 148 2.75 -11.81 -10.36
CA LYS B 148 3.46 -12.53 -11.42
C LYS B 148 4.67 -11.75 -11.99
N PRO B 149 4.47 -10.50 -12.46
CA PRO B 149 5.60 -9.82 -13.09
C PRO B 149 6.84 -9.64 -12.20
N VAL B 150 6.63 -9.47 -10.89
CA VAL B 150 7.78 -9.32 -10.01
C VAL B 150 8.45 -10.68 -9.84
N TYR B 151 7.67 -11.75 -9.69
CA TYR B 151 8.20 -13.10 -9.48
C TYR B 151 8.97 -13.58 -10.70
N ASP B 152 8.45 -13.32 -11.90
CA ASP B 152 9.17 -13.63 -13.13
C ASP B 152 10.50 -12.87 -13.16
N SER B 153 10.51 -11.67 -12.58
CA SER B 153 11.67 -10.79 -12.61
C SER B 153 12.83 -11.17 -11.69
N LEU B 154 12.50 -11.86 -10.58
CA LEU B 154 13.46 -12.17 -9.53
C LEU B 154 14.26 -13.46 -9.77
N ASP B 155 15.41 -13.54 -9.10
CA ASP B 155 16.26 -14.75 -9.00
C ASP B 155 15.79 -15.71 -7.92
N ALA B 156 16.34 -16.92 -7.90
CA ALA B 156 15.87 -17.97 -7.00
C ALA B 156 15.88 -17.58 -5.52
N VAL B 157 16.93 -16.88 -5.09
CA VAL B 157 17.05 -16.50 -3.68
C VAL B 157 16.08 -15.36 -3.34
N ARG B 158 15.94 -14.42 -4.26
CA ARG B 158 14.96 -13.36 -4.08
C ARG B 158 13.54 -13.91 -4.14
N ARG B 159 13.29 -14.84 -5.05
CA ARG B 159 12.00 -15.49 -5.11
C ARG B 159 11.68 -16.19 -3.80
N ALA B 160 12.73 -16.76 -3.19
CA ALA B 160 12.56 -17.45 -1.93
C ALA B 160 12.04 -16.49 -0.85
N ALA B 161 12.54 -15.26 -0.85
CA ALA B 161 12.06 -14.27 0.09
C ALA B 161 10.59 -13.90 -0.17
N LEU B 162 10.20 -13.84 -1.44
CA LEU B 162 8.83 -13.45 -1.79
C LEU B 162 7.88 -14.58 -1.35
N ILE B 163 8.30 -15.83 -1.57
CA ILE B 163 7.57 -17.01 -1.12
C ILE B 163 7.45 -17.03 0.41
N ASN B 164 8.55 -16.68 1.09
CA ASN B 164 8.58 -16.52 2.55
C ASN B 164 7.51 -15.54 3.04
N MET B 165 7.38 -14.41 2.37
CA MET B 165 6.37 -13.43 2.74
C MET B 165 4.98 -14.01 2.50
N VAL B 166 4.85 -14.73 1.40
CA VAL B 166 3.56 -15.32 1.09
C VAL B 166 3.18 -16.28 2.20
N PHE B 167 4.13 -17.10 2.65
CA PHE B 167 3.89 -18.03 3.78
C PHE B 167 3.43 -17.31 5.05
N GLN B 168 3.99 -16.15 5.35
CA GLN B 168 3.65 -15.46 6.59
C GLN B 168 2.33 -14.68 6.56
N MET B 169 1.85 -14.28 5.40
CA MET B 169 0.69 -13.38 5.39
C MET B 169 -0.29 -13.65 4.25
N GLY B 170 0.08 -14.56 3.37
CA GLY B 170 -0.80 -14.97 2.31
C GLY B 170 -0.57 -14.12 1.08
N GLU B 171 -0.93 -14.69 -0.07
CA GLU B 171 -0.85 -14.06 -1.37
C GLU B 171 -1.44 -12.67 -1.37
N THR B 172 -2.61 -12.51 -0.78
CA THR B 172 -3.32 -11.25 -0.88
C THR B 172 -2.56 -10.13 -0.19
N GLY B 173 -2.10 -10.37 1.04
CA GLY B 173 -1.36 -9.39 1.79
C GLY B 173 -0.13 -8.90 1.05
N VAL B 174 0.71 -9.84 0.61
CA VAL B 174 1.93 -9.54 -0.13
C VAL B 174 1.63 -8.71 -1.37
N ALA B 175 0.55 -9.10 -2.04
CA ALA B 175 0.15 -8.41 -3.26
C ALA B 175 -0.29 -6.96 -3.01
N GLY B 176 -0.39 -6.55 -1.75
CA GLY B 176 -0.83 -5.21 -1.41
C GLY B 176 0.31 -4.25 -1.19
N PHE B 177 1.53 -4.77 -1.35
CA PHE B 177 2.78 -4.01 -1.29
C PHE B 177 3.06 -3.34 -2.65
N THR B 178 2.14 -2.50 -3.11
CA THR B 178 2.17 -2.02 -4.50
C THR B 178 3.53 -1.50 -4.92
N ASN B 179 4.05 -0.59 -4.10
CA ASN B 179 5.31 0.13 -4.39
C ASN B 179 6.58 -0.67 -4.21
N SER B 180 6.66 -1.44 -3.11
CA SER B 180 7.85 -2.21 -2.81
C SER B 180 8.01 -3.28 -3.86
N LEU B 181 6.88 -3.80 -4.30
CA LEU B 181 6.83 -4.77 -5.38
C LEU B 181 7.40 -4.21 -6.67
N ARG B 182 6.99 -3.00 -7.05
CA ARG B 182 7.47 -2.38 -8.28
C ARG B 182 8.99 -2.11 -8.22
N MET B 183 9.48 -1.73 -7.05
CA MET B 183 10.92 -1.50 -6.89
C MET B 183 11.72 -2.79 -7.09
N LEU B 184 11.17 -3.90 -6.61
CA LEU B 184 11.81 -5.21 -6.77
C LEU B 184 11.91 -5.53 -8.26
N GLN B 185 10.79 -5.36 -8.94
CA GLN B 185 10.71 -5.61 -10.38
C GLN B 185 11.66 -4.75 -11.19
N GLN B 186 11.96 -3.57 -10.67
CA GLN B 186 12.88 -2.65 -11.35
C GLN B 186 14.31 -2.81 -10.85
N LYS B 187 14.55 -3.83 -10.03
CA LYS B 187 15.87 -4.10 -9.45
C LYS B 187 16.45 -2.96 -8.59
N ARG B 188 15.59 -2.05 -8.12
CA ARG B 188 16.01 -1.01 -7.18
C ARG B 188 16.15 -1.54 -5.76
N TRP B 189 17.12 -2.43 -5.55
CA TRP B 189 17.20 -3.27 -4.36
C TRP B 189 17.18 -2.50 -3.05
N ASP B 190 17.87 -1.37 -3.03
CA ASP B 190 18.03 -0.61 -1.81
C ASP B 190 16.81 0.26 -1.49
N GLU B 191 16.18 0.80 -2.54
CA GLU B 191 14.91 1.49 -2.37
C GLU B 191 13.91 0.54 -1.75
N ALA B 192 13.81 -0.64 -2.35
CA ALA B 192 12.85 -1.66 -1.91
C ALA B 192 13.13 -2.03 -0.47
N ALA B 193 14.40 -2.24 -0.13
CA ALA B 193 14.75 -2.58 1.24
C ALA B 193 14.35 -1.48 2.19
N VAL B 194 14.55 -0.23 1.75
CA VAL B 194 14.23 0.92 2.60
C VAL B 194 12.73 1.10 2.76
N ASN B 195 11.99 0.86 1.69
CA ASN B 195 10.54 0.97 1.74
C ASN B 195 9.85 -0.10 2.61
N LEU B 196 10.24 -1.37 2.45
CA LEU B 196 9.74 -2.49 3.26
C LEU B 196 9.98 -2.32 4.74
N ALA B 197 11.05 -1.64 5.12
CA ALA B 197 11.35 -1.45 6.53
C ALA B 197 10.31 -0.53 7.19
N LYS B 198 9.65 0.26 6.34
CA LYS B 198 8.63 1.21 6.79
C LYS B 198 7.29 0.52 7.01
N SER B 199 7.23 -0.77 6.70
CA SER B 199 5.96 -1.49 6.68
C SER B 199 5.50 -1.89 8.06
N ARG B 200 4.21 -2.14 8.20
CA ARG B 200 3.67 -2.61 9.46
C ARG B 200 4.09 -4.07 9.67
N TRP B 201 4.29 -4.78 8.57
CA TRP B 201 4.88 -6.13 8.60
C TRP B 201 6.20 -6.14 9.37
N TYR B 202 7.10 -5.25 8.95
CA TYR B 202 8.37 -5.08 9.62
C TYR B 202 8.15 -4.77 11.09
N ASN B 203 7.17 -3.94 11.36
CA ASN B 203 6.96 -3.48 12.72
C ASN B 203 6.41 -4.54 13.66
N GLN B 204 5.78 -5.55 13.09
CA GLN B 204 5.14 -6.60 13.86
C GLN B 204 6.12 -7.75 14.10
N THR B 205 6.93 -8.03 13.08
CA THR B 205 7.96 -9.06 13.16
C THR B 205 9.28 -8.57 12.56
N PRO B 206 9.97 -7.69 13.30
CA PRO B 206 11.19 -7.03 12.83
C PRO B 206 12.32 -8.01 12.52
N ASN B 207 12.55 -8.94 13.45
CA ASN B 207 13.68 -9.87 13.34
C ASN B 207 13.57 -10.71 12.07
N ARG B 208 12.38 -11.20 11.78
CA ARG B 208 12.20 -11.93 10.54
C ARG B 208 12.21 -11.01 9.32
N ALA B 209 11.49 -9.89 9.39
CA ALA B 209 11.30 -9.10 8.20
C ALA B 209 12.66 -8.56 7.73
N LYS B 210 13.51 -8.21 8.68
CA LYS B 210 14.90 -7.76 8.45
C LYS B 210 15.70 -8.74 7.58
N ARG B 211 15.68 -10.02 7.99
CA ARG B 211 16.31 -11.11 7.26
C ARG B 211 15.74 -11.26 5.85
N VAL B 212 14.42 -11.26 5.74
CA VAL B 212 13.76 -11.27 4.43
C VAL B 212 14.18 -10.08 3.57
N ILE B 213 14.10 -8.88 4.17
CA ILE B 213 14.49 -7.65 3.48
C ILE B 213 15.94 -7.63 3.04
N THR B 214 16.82 -8.06 3.92
CA THR B 214 18.23 -8.21 3.57
C THR B 214 18.41 -9.20 2.40
N THR B 215 17.58 -10.24 2.38
CA THR B 215 17.66 -11.22 1.32
C THR B 215 17.22 -10.61 -0.01
N PHE B 216 16.16 -9.79 0.03
CA PHE B 216 15.69 -9.02 -1.13
C PHE B 216 16.79 -8.08 -1.64
N ARG B 217 17.50 -7.47 -0.71
CA ARG B 217 18.51 -6.47 -1.04
C ARG B 217 19.79 -7.03 -1.67
N THR B 218 20.29 -8.13 -1.12
CA THR B 218 21.62 -8.65 -1.48
C THR B 218 21.53 -9.77 -2.51
N GLY B 219 20.39 -10.46 -2.50
CA GLY B 219 20.19 -11.65 -3.32
C GLY B 219 20.98 -12.86 -2.84
N THR B 220 21.46 -12.81 -1.60
CA THR B 220 22.18 -13.94 -1.00
C THR B 220 21.55 -14.43 0.30
N TRP B 221 22.07 -15.52 0.82
CA TRP B 221 21.52 -16.14 2.02
C TRP B 221 22.20 -15.59 3.29
N ASP B 222 22.97 -14.53 3.11
CA ASP B 222 23.86 -14.04 4.16
C ASP B 222 23.12 -13.74 5.47
N ALA B 223 21.89 -13.26 5.37
CA ALA B 223 21.15 -12.90 6.56
C ALA B 223 20.87 -14.11 7.46
N TYR B 224 21.10 -15.32 6.94
CA TYR B 224 20.89 -16.57 7.67
C TYR B 224 22.20 -17.33 7.93
N ALA B 225 23.33 -16.72 7.61
CA ALA B 225 24.63 -17.35 7.77
C ALA B 225 24.89 -17.76 9.22
N ASN B 226 24.83 -16.79 10.13
CA ASN B 226 24.93 -17.10 11.55
C ASN B 226 24.34 -16.02 12.45
N LEU B 227 23.31 -16.30 13.27
CA LEU B 227 22.55 -17.54 13.41
C LEU B 227 23.40 -18.81 13.61
#